data_6UKN
#
_entry.id   6UKN
#
_cell.length_a   1.00
_cell.length_b   1.00
_cell.length_c   1.00
_cell.angle_alpha   90.00
_cell.angle_beta   90.00
_cell.angle_gamma   90.00
#
_symmetry.space_group_name_H-M   'P 1'
#
loop_
_entity.id
_entity.type
_entity.pdbx_description
1 polymer 'Solute carrier family 12 member 7'
2 branched beta-D-mannopyranose-(1-4)-2-acetamido-2-deoxy-beta-D-glucopyranose-(1-4)-2-acetamido-2-deoxy-beta-D-glucopyranose
3 non-polymer 'POTASSIUM ION'
4 non-polymer 'CHLORIDE ION'
#
_entity_poly.entity_id   1
_entity_poly.type   'polypeptide(L)'
_entity_poly.pdbx_seq_one_letter_code
;MPTNFTVVPVEARADGAGDEAAERTEEPESPESVDQTSPTPGDGNPRENSPFINNVEVERESYFEGKNMALFEEEMDSNP
MVSSLLNKLANYTNLSQGVVEHEEDEDSRRREVKAPRMGTFIGVYLPCLQNILGVILFLRLTWIVGAAGVMESFLIVAMC
CTCTMLTAISMSAIATNGVVPAGGSYYMISRSLGPEFGGAVGLCFYLGTTFAGAMYILGTIEIFLTYISPSAAIFQAETA
DGEAAALLNNMRVYGSCALALMAVVVFVGVKYVNKLALVFLACVVLSILAIYAGVIKTAFAPPDIPVCLLGNRTLANRNF
DTCAKMQVVSNGTVTTALWRLFCNGSSLGATCDEYFAQNNVTEIQGIPGVASGVFLDNLWSTYSDKGAFVEKKGVSSVPV
SEESRPGGLPYVLTDIMTYFTMLVGIYFPSVTGIMAGSNRSGDLKDAQKSIPTGTILAIVTTSFIYLSCIVLFGACIEGV
VLRDKFGEALQGNLVIGMLAWPSPWVIVIGSFFSTCGAGLQSLTGAPRLLQAIARDGIIPFLQVFGHGKANGEPTWALLL
TALICETGILIASLDSVAPILSMFFLMCYMFVNLACAVQTLLRTPNWRPRFKFYHWTLSFLGMSLCLALMFICSWYYALF
AMLIAGCIYKYIEYRGAEKEWGDGIRGLSLNAARYALLRVEHGPPHTKNWRPQVLVMLNLDSEQCVKHPRLLSFTSQLKA
GKGLTIVGSVLEGTYLDKHVEAQRAEENIRSLMSAEKTKGFCQLVVSSNLRDGASHLIQSAGLGGMKHNTVLMAWPEAWK
EADNPFSWKNFVDTVRDTTAAHQALLVAKNIDLFPQNQERFSDGNIDVWWIVHDGGMLMLLPFLLRQHKVWRKCRMRIFT
VAQVDDNSIQMKKDLQMFLYHLRISAEVEVVEMVENDISAFTYEKTLMMEQRSQMLKQMQLSKNEREREAQLIHDRNTAS
HTTATARTQAPPTPDKVQMTWTKEKLIAEKHRNKDTGPSGFKDLFSLKPDQSNVRRMHTAVKLNGVVLNKSQDAQLVLLN
MPGPPKSRQGDENYMEFLEVLTEGLNRVLLVRGGGREVITIYSSNSLEVLFQ
;
_entity_poly.pdbx_strand_id   A
#
loop_
_chem_comp.id
_chem_comp.type
_chem_comp.name
_chem_comp.formula
BMA D-saccharide, beta linking beta-D-mannopyranose 'C6 H12 O6'
CL non-polymer 'CHLORIDE ION' 'Cl -1'
K non-polymer 'POTASSIUM ION' 'K 1'
NAG D-saccharide, beta linking 2-acetamido-2-deoxy-beta-D-glucopyranose 'C8 H15 N O6'
#
# COMPACT_ATOMS: atom_id res chain seq x y z
N ARG A 117 20.64 20.21 -17.10
CA ARG A 117 21.45 19.12 -16.55
C ARG A 117 21.30 19.07 -15.03
N MET A 118 20.98 17.88 -14.52
CA MET A 118 20.84 17.65 -13.09
C MET A 118 21.86 16.61 -12.63
N GLY A 119 22.01 16.51 -11.32
CA GLY A 119 23.06 15.69 -10.75
C GLY A 119 22.60 14.35 -10.20
N THR A 120 22.98 14.06 -8.95
CA THR A 120 22.70 12.78 -8.32
C THR A 120 21.49 12.83 -7.40
N PHE A 121 21.37 13.88 -6.59
CA PHE A 121 20.31 13.94 -5.60
C PHE A 121 18.97 14.14 -6.27
N ILE A 122 18.78 15.30 -6.91
CA ILE A 122 17.50 15.63 -7.51
C ILE A 122 17.26 14.77 -8.76
N GLY A 123 18.34 14.30 -9.37
CA GLY A 123 18.19 13.53 -10.60
C GLY A 123 17.60 12.15 -10.37
N VAL A 124 18.04 11.47 -9.31
CA VAL A 124 17.66 10.08 -9.11
C VAL A 124 17.02 9.86 -7.76
N TYR A 125 17.69 10.33 -6.70
CA TYR A 125 17.36 9.84 -5.36
C TYR A 125 16.00 10.34 -4.88
N LEU A 126 15.58 11.50 -5.37
CA LEU A 126 14.29 12.01 -4.91
C LEU A 126 13.10 11.39 -5.64
N PRO A 127 13.13 11.17 -6.98
CA PRO A 127 11.98 10.48 -7.59
C PRO A 127 11.74 9.07 -7.08
N CYS A 128 12.81 8.33 -6.75
CA CYS A 128 12.63 7.01 -6.18
C CYS A 128 11.94 7.08 -4.83
N LEU A 129 12.39 7.98 -3.95
CA LEU A 129 11.72 8.16 -2.67
C LEU A 129 10.29 8.67 -2.84
N GLN A 130 10.03 9.36 -3.96
CA GLN A 130 8.70 9.91 -4.18
C GLN A 130 7.71 8.83 -4.57
N ASN A 131 8.09 7.96 -5.51
CA ASN A 131 7.13 6.97 -5.99
C ASN A 131 7.16 5.66 -5.23
N ILE A 132 8.23 5.39 -4.46
CA ILE A 132 8.23 4.19 -3.63
C ILE A 132 7.29 4.37 -2.45
N LEU A 133 7.48 5.43 -1.68
CA LEU A 133 6.66 5.68 -0.49
C LEU A 133 5.26 6.12 -0.92
N GLY A 134 4.25 5.42 -0.43
CA GLY A 134 2.88 5.65 -0.88
C GLY A 134 1.85 5.28 0.15
N VAL A 135 0.78 4.63 -0.32
CA VAL A 135 -0.44 4.48 0.47
C VAL A 135 -0.31 3.39 1.54
N ILE A 136 0.53 2.37 1.30
CA ILE A 136 0.53 1.19 2.16
C ILE A 136 1.05 1.53 3.54
N LEU A 137 2.17 2.25 3.61
CA LEU A 137 2.78 2.58 4.90
C LEU A 137 1.83 3.34 5.81
N PHE A 138 0.93 4.14 5.24
CA PHE A 138 -0.02 4.87 6.05
C PHE A 138 -1.32 4.11 6.31
N LEU A 139 -1.72 3.19 5.44
CA LEU A 139 -3.06 2.63 5.56
C LEU A 139 -3.12 1.15 5.90
N ARG A 140 -2.08 0.37 5.64
CA ARG A 140 -2.15 -1.06 5.87
C ARG A 140 -0.96 -1.64 6.62
N LEU A 141 0.11 -0.88 6.85
CA LEU A 141 1.25 -1.43 7.55
C LEU A 141 0.91 -1.77 9.00
N THR A 142 0.11 -0.93 9.66
CA THR A 142 -0.28 -1.23 11.03
C THR A 142 -1.17 -2.45 11.08
N TRP A 143 -2.12 -2.58 10.15
CA TRP A 143 -2.96 -3.77 10.12
C TRP A 143 -2.16 -5.02 9.81
N ILE A 144 -1.09 -4.90 9.03
CA ILE A 144 -0.26 -6.05 8.71
C ILE A 144 0.54 -6.47 9.94
N VAL A 145 1.11 -5.50 10.65
CA VAL A 145 1.85 -5.78 11.87
C VAL A 145 0.90 -6.36 12.91
N GLY A 146 -0.37 -5.98 12.85
CA GLY A 146 -1.34 -6.52 13.78
C GLY A 146 -1.77 -7.94 13.48
N ALA A 147 -2.12 -8.22 12.22
CA ALA A 147 -2.63 -9.54 11.87
C ALA A 147 -1.55 -10.60 12.01
N ALA A 148 -0.38 -10.35 11.46
CA ALA A 148 0.77 -11.20 11.70
C ALA A 148 1.46 -10.73 12.97
N GLY A 149 2.68 -11.19 13.22
CA GLY A 149 3.44 -10.67 14.34
C GLY A 149 4.55 -9.81 13.81
N VAL A 150 5.43 -9.39 14.72
CA VAL A 150 6.60 -8.63 14.31
C VAL A 150 7.54 -9.52 13.51
N MET A 151 7.62 -10.80 13.87
CA MET A 151 8.55 -11.70 13.20
C MET A 151 8.10 -12.02 11.78
N GLU A 152 6.82 -12.36 11.61
CA GLU A 152 6.31 -12.67 10.28
C GLU A 152 6.39 -11.46 9.37
N SER A 153 6.03 -10.28 9.88
CA SER A 153 6.11 -9.06 9.08
C SER A 153 7.56 -8.73 8.74
N PHE A 154 8.48 -8.99 9.68
CA PHE A 154 9.90 -8.82 9.43
C PHE A 154 10.35 -9.69 8.27
N LEU A 155 9.93 -10.96 8.27
CA LEU A 155 10.27 -11.86 7.18
C LEU A 155 9.68 -11.37 5.87
N ILE A 156 8.44 -10.88 5.90
CA ILE A 156 7.79 -10.37 4.69
C ILE A 156 8.59 -9.22 4.10
N VAL A 157 8.94 -8.25 4.94
CA VAL A 157 9.64 -7.07 4.43
C VAL A 157 11.06 -7.42 4.00
N ALA A 158 11.69 -8.40 4.67
CA ALA A 158 13.00 -8.85 4.23
C ALA A 158 12.93 -9.45 2.83
N MET A 159 11.92 -10.28 2.57
CA MET A 159 11.77 -10.85 1.22
C MET A 159 11.51 -9.77 0.18
N CYS A 160 10.53 -8.90 0.46
CA CYS A 160 10.14 -7.89 -0.53
C CYS A 160 11.19 -6.82 -0.72
N CYS A 161 12.13 -6.66 0.21
CA CYS A 161 13.23 -5.75 -0.03
C CYS A 161 14.41 -6.44 -0.69
N THR A 162 14.59 -7.74 -0.44
CA THR A 162 15.70 -8.46 -1.06
C THR A 162 15.48 -8.63 -2.55
N CYS A 163 14.25 -8.95 -2.97
CA CYS A 163 13.99 -9.06 -4.41
C CYS A 163 14.24 -7.73 -5.12
N THR A 164 13.75 -6.62 -4.53
CA THR A 164 13.95 -5.32 -5.14
C THR A 164 15.42 -4.91 -5.16
N MET A 165 16.18 -5.27 -4.11
CA MET A 165 17.59 -4.91 -4.09
C MET A 165 18.37 -5.68 -5.16
N LEU A 166 18.08 -6.96 -5.33
CA LEU A 166 18.77 -7.73 -6.35
C LEU A 166 18.39 -7.27 -7.75
N THR A 167 17.11 -6.96 -7.95
CA THR A 167 16.68 -6.40 -9.23
C THR A 167 17.33 -5.05 -9.49
N ALA A 168 17.52 -4.25 -8.44
CA ALA A 168 18.19 -2.96 -8.62
C ALA A 168 19.64 -3.13 -9.00
N ILE A 169 20.32 -4.11 -8.43
CA ILE A 169 21.71 -4.37 -8.81
C ILE A 169 21.79 -4.79 -10.28
N SER A 170 20.88 -5.67 -10.71
CA SER A 170 20.89 -6.10 -12.11
C SER A 170 20.58 -4.93 -13.04
N MET A 171 19.61 -4.10 -12.66
CA MET A 171 19.26 -2.95 -13.49
C MET A 171 20.39 -1.94 -13.52
N SER A 172 21.17 -1.84 -12.44
CA SER A 172 22.33 -0.96 -12.44
C SER A 172 23.40 -1.48 -13.37
N ALA A 173 23.57 -2.81 -13.42
CA ALA A 173 24.47 -3.40 -14.41
C ALA A 173 24.03 -3.06 -15.82
N ILE A 174 22.72 -3.13 -16.09
CA ILE A 174 22.19 -2.67 -17.37
C ILE A 174 22.54 -1.21 -17.61
N ALA A 175 22.34 -0.37 -16.58
CA ALA A 175 22.54 1.07 -16.74
C ALA A 175 24.00 1.43 -17.00
N THR A 176 24.94 0.62 -16.51
CA THR A 176 26.35 0.90 -16.73
C THR A 176 26.94 0.17 -17.92
N ASN A 177 26.21 -0.77 -18.51
CA ASN A 177 26.67 -1.43 -19.72
C ASN A 177 26.53 -0.49 -20.91
N GLY A 178 27.65 -0.14 -21.53
CA GLY A 178 27.63 0.57 -22.78
C GLY A 178 27.24 2.03 -22.64
N VAL A 179 26.92 2.62 -23.79
CA VAL A 179 26.51 4.02 -23.88
C VAL A 179 25.00 4.06 -23.74
N VAL A 180 24.53 4.37 -22.55
CA VAL A 180 23.10 4.39 -22.25
C VAL A 180 22.40 5.49 -23.03
N PRO A 181 21.37 5.16 -23.81
CA PRO A 181 20.67 6.19 -24.59
C PRO A 181 19.83 7.08 -23.69
N ALA A 182 19.50 8.26 -24.21
CA ALA A 182 18.65 9.19 -23.49
C ALA A 182 17.20 8.75 -23.55
N GLY A 183 16.43 9.16 -22.55
CA GLY A 183 15.02 8.84 -22.53
C GLY A 183 14.58 8.12 -21.28
N GLY A 184 13.53 7.32 -21.39
CA GLY A 184 13.01 6.59 -20.26
C GLY A 184 13.71 5.26 -20.04
N SER A 185 13.20 4.53 -19.04
CA SER A 185 13.76 3.22 -18.72
C SER A 185 13.57 2.21 -19.83
N TYR A 186 12.53 2.38 -20.64
CA TYR A 186 12.30 1.43 -21.73
C TYR A 186 13.41 1.47 -22.76
N TYR A 187 13.95 2.65 -23.05
CA TYR A 187 15.04 2.74 -24.02
C TYR A 187 16.28 2.02 -23.51
N MET A 188 16.62 2.24 -22.24
CA MET A 188 17.75 1.54 -21.62
C MET A 188 17.56 0.03 -21.69
N ILE A 189 16.40 -0.45 -21.24
CA ILE A 189 16.15 -1.88 -21.17
C ILE A 189 16.15 -2.50 -22.55
N SER A 190 15.58 -1.80 -23.54
CA SER A 190 15.49 -2.35 -24.89
C SER A 190 16.84 -2.37 -25.57
N ARG A 191 17.62 -1.30 -25.41
CA ARG A 191 18.92 -1.24 -26.05
C ARG A 191 19.89 -2.25 -25.44
N SER A 192 19.86 -2.39 -24.11
CA SER A 192 20.79 -3.31 -23.46
C SER A 192 20.39 -4.76 -23.70
N LEU A 193 19.14 -5.11 -23.40
CA LEU A 193 18.65 -6.45 -23.60
C LEU A 193 18.20 -6.64 -25.05
N GLY A 194 17.51 -7.74 -25.31
CA GLY A 194 16.94 -7.99 -26.61
C GLY A 194 15.70 -7.16 -26.84
N PRO A 195 15.26 -7.05 -28.09
CA PRO A 195 14.02 -6.32 -28.36
C PRO A 195 12.79 -7.00 -27.80
N GLU A 196 12.73 -8.34 -27.88
CA GLU A 196 11.55 -9.06 -27.39
C GLU A 196 11.42 -8.93 -25.87
N PHE A 197 12.55 -8.91 -25.16
CA PHE A 197 12.51 -8.60 -23.74
C PHE A 197 12.04 -7.18 -23.48
N GLY A 198 12.38 -6.26 -24.38
CA GLY A 198 11.92 -4.89 -24.24
C GLY A 198 10.42 -4.78 -24.27
N GLY A 199 9.77 -5.47 -25.22
CA GLY A 199 8.32 -5.41 -25.32
C GLY A 199 7.63 -6.05 -24.13
N ALA A 200 8.11 -7.22 -23.69
CA ALA A 200 7.48 -7.91 -22.56
C ALA A 200 7.64 -7.10 -21.28
N VAL A 201 8.84 -6.61 -21.01
CA VAL A 201 9.07 -5.81 -19.81
C VAL A 201 8.28 -4.52 -19.87
N GLY A 202 8.19 -3.91 -21.06
CA GLY A 202 7.41 -2.69 -21.19
C GLY A 202 5.93 -2.91 -20.94
N LEU A 203 5.38 -4.00 -21.48
CA LEU A 203 3.97 -4.30 -21.25
C LEU A 203 3.70 -4.55 -19.78
N CYS A 204 4.57 -5.33 -19.12
CA CYS A 204 4.37 -5.63 -17.71
C CYS A 204 4.45 -4.37 -16.87
N PHE A 205 5.48 -3.54 -17.09
CA PHE A 205 5.62 -2.33 -16.30
C PHE A 205 4.52 -1.33 -16.60
N TYR A 206 3.98 -1.33 -17.83
CA TYR A 206 2.88 -0.44 -18.16
C TYR A 206 1.62 -0.84 -17.42
N LEU A 207 1.29 -2.14 -17.44
CA LEU A 207 0.12 -2.60 -16.69
C LEU A 207 0.31 -2.38 -15.19
N GLY A 208 1.54 -2.55 -14.70
CA GLY A 208 1.82 -2.27 -13.31
C GLY A 208 1.60 -0.81 -12.96
N THR A 209 2.03 0.10 -13.82
CA THR A 209 1.85 1.52 -13.54
C THR A 209 0.38 1.90 -13.54
N THR A 210 -0.41 1.38 -14.49
CA THR A 210 -1.81 1.80 -14.52
C THR A 210 -2.61 1.19 -13.35
N PHE A 211 -2.37 -0.08 -13.02
CA PHE A 211 -3.04 -0.62 -11.83
C PHE A 211 -2.56 0.04 -10.55
N ALA A 212 -1.30 0.48 -10.50
CA ALA A 212 -0.84 1.22 -9.33
C ALA A 212 -1.54 2.57 -9.24
N GLY A 213 -1.81 3.20 -10.39
CA GLY A 213 -2.60 4.41 -10.37
C GLY A 213 -4.00 4.17 -9.85
N ALA A 214 -4.60 3.04 -10.27
CA ALA A 214 -5.91 2.66 -9.75
C ALA A 214 -5.90 2.50 -8.24
N MET A 215 -4.89 1.78 -7.73
CA MET A 215 -4.77 1.59 -6.28
C MET A 215 -4.55 2.90 -5.56
N TYR A 216 -3.76 3.80 -6.14
CA TYR A 216 -3.45 5.06 -5.47
C TYR A 216 -4.67 5.96 -5.38
N ILE A 217 -5.45 6.04 -6.46
CA ILE A 217 -6.65 6.87 -6.37
C ILE A 217 -7.70 6.20 -5.49
N LEU A 218 -7.71 4.86 -5.44
CA LEU A 218 -8.57 4.17 -4.47
C LEU A 218 -8.19 4.52 -3.05
N GLY A 219 -6.90 4.61 -2.75
CA GLY A 219 -6.48 5.02 -1.43
C GLY A 219 -6.86 6.45 -1.11
N THR A 220 -6.74 7.34 -2.09
CA THR A 220 -7.18 8.72 -1.92
C THR A 220 -8.65 8.79 -1.56
N ILE A 221 -9.47 8.05 -2.31
CA ILE A 221 -10.92 8.06 -2.06
C ILE A 221 -11.24 7.43 -0.72
N GLU A 222 -10.50 6.39 -0.33
CA GLU A 222 -10.75 5.76 0.97
C GLU A 222 -10.45 6.73 2.10
N ILE A 223 -9.33 7.46 2.01
CA ILE A 223 -9.03 8.50 2.98
C ILE A 223 -10.17 9.51 3.06
N PHE A 224 -10.58 10.03 1.90
CA PHE A 224 -11.57 11.10 1.87
C PHE A 224 -12.91 10.64 2.42
N LEU A 225 -13.30 9.41 2.12
CA LEU A 225 -14.61 8.91 2.51
C LEU A 225 -14.64 8.48 3.97
N THR A 226 -13.54 7.90 4.48
CA THR A 226 -13.57 7.29 5.80
C THR A 226 -13.08 8.20 6.91
N TYR A 227 -12.05 9.00 6.67
CA TYR A 227 -11.44 9.73 7.77
C TYR A 227 -11.77 11.20 7.80
N ILE A 228 -11.87 11.87 6.66
CA ILE A 228 -12.08 13.32 6.67
C ILE A 228 -13.56 13.65 6.76
N SER A 229 -14.36 13.16 5.82
CA SER A 229 -15.77 13.53 5.68
C SER A 229 -16.65 12.29 5.77
N PRO A 230 -16.92 11.80 6.98
CA PRO A 230 -17.87 10.69 7.11
C PRO A 230 -19.30 11.09 6.79
N SER A 231 -19.65 12.37 6.96
CA SER A 231 -20.98 12.87 6.63
C SER A 231 -21.06 13.22 5.13
N ALA A 232 -20.83 12.19 4.32
CA ALA A 232 -20.77 12.31 2.87
C ALA A 232 -21.15 10.96 2.29
N ALA A 233 -20.82 10.75 1.01
CA ALA A 233 -20.95 9.44 0.35
C ALA A 233 -22.39 8.95 0.37
N ILE A 234 -23.24 9.66 -0.38
CA ILE A 234 -24.69 9.47 -0.35
C ILE A 234 -25.11 8.03 -0.65
N PHE A 235 -24.35 7.32 -1.47
CA PHE A 235 -24.75 5.98 -1.90
C PHE A 235 -24.56 5.01 -0.74
N GLN A 236 -25.59 4.93 0.10
CA GLN A 236 -25.57 4.05 1.26
C GLN A 236 -26.94 3.43 1.47
N ALA A 237 -26.97 2.33 2.22
CA ALA A 237 -28.20 1.67 2.61
C ALA A 237 -28.26 1.59 4.14
N GLU A 238 -29.46 1.38 4.66
CA GLU A 238 -29.69 1.26 6.10
C GLU A 238 -30.07 -0.19 6.40
N THR A 239 -29.06 -1.03 6.55
CA THR A 239 -29.21 -2.45 6.86
C THR A 239 -27.86 -2.92 7.39
N ALA A 240 -27.88 -4.01 8.16
CA ALA A 240 -26.63 -4.55 8.71
C ALA A 240 -25.67 -4.94 7.60
N ASP A 241 -26.13 -5.76 6.65
CA ASP A 241 -25.32 -6.09 5.48
C ASP A 241 -25.44 -5.06 4.37
N GLY A 242 -26.39 -4.14 4.49
CA GLY A 242 -26.53 -3.09 3.49
C GLY A 242 -25.32 -2.20 3.39
N GLU A 243 -24.69 -1.90 4.52
CA GLU A 243 -23.47 -1.09 4.48
C GLU A 243 -22.33 -1.83 3.81
N ALA A 244 -22.19 -3.13 4.10
CA ALA A 244 -21.11 -3.91 3.49
C ALA A 244 -21.35 -4.12 2.00
N ALA A 245 -22.60 -4.08 1.55
CA ALA A 245 -22.87 -4.21 0.13
C ALA A 245 -22.84 -2.86 -0.58
N ALA A 246 -23.07 -1.76 0.13
CA ALA A 246 -23.13 -0.45 -0.49
C ALA A 246 -21.80 0.31 -0.46
N LEU A 247 -20.87 -0.09 0.42
CA LEU A 247 -19.55 0.54 0.43
C LEU A 247 -18.86 0.37 -0.91
N LEU A 248 -19.00 -0.81 -1.52
CA LEU A 248 -18.37 -1.06 -2.81
C LEU A 248 -18.93 -0.16 -3.89
N ASN A 249 -20.25 -0.01 -3.94
CA ASN A 249 -20.87 0.84 -4.94
C ASN A 249 -20.51 2.31 -4.73
N ASN A 250 -20.47 2.74 -3.47
CA ASN A 250 -20.11 4.12 -3.17
C ASN A 250 -18.66 4.41 -3.58
N MET A 251 -17.76 3.49 -3.25
CA MET A 251 -16.37 3.66 -3.65
C MET A 251 -16.22 3.57 -5.17
N ARG A 252 -17.07 2.79 -5.83
CA ARG A 252 -17.03 2.72 -7.29
C ARG A 252 -17.43 4.03 -7.93
N VAL A 253 -18.51 4.65 -7.46
CA VAL A 253 -18.94 5.89 -8.09
C VAL A 253 -17.96 7.02 -7.80
N TYR A 254 -17.42 7.08 -6.57
CA TYR A 254 -16.41 8.09 -6.30
C TYR A 254 -15.12 7.80 -7.07
N GLY A 255 -14.85 6.53 -7.36
CA GLY A 255 -13.68 6.19 -8.15
C GLY A 255 -13.81 6.62 -9.59
N SER A 256 -14.98 6.40 -10.18
CA SER A 256 -15.22 6.87 -11.55
C SER A 256 -15.09 8.39 -11.62
N CYS A 257 -15.68 9.10 -10.65
CA CYS A 257 -15.55 10.55 -10.61
C CYS A 257 -14.10 11.00 -10.52
N ALA A 258 -13.34 10.41 -9.58
CA ALA A 258 -11.97 10.82 -9.37
C ALA A 258 -11.09 10.49 -10.56
N LEU A 259 -11.29 9.34 -11.19
CA LEU A 259 -10.51 8.97 -12.36
C LEU A 259 -10.79 9.93 -13.51
N ALA A 260 -12.05 10.28 -13.71
CA ALA A 260 -12.39 11.20 -14.80
C ALA A 260 -11.74 12.57 -14.56
N LEU A 261 -11.84 13.08 -13.34
CA LEU A 261 -11.21 14.37 -13.04
C LEU A 261 -9.69 14.30 -13.20
N MET A 262 -9.09 13.16 -12.80
CA MET A 262 -7.64 13.01 -12.90
C MET A 262 -7.18 12.99 -14.35
N ALA A 263 -7.88 12.24 -15.20
CA ALA A 263 -7.53 12.21 -16.62
C ALA A 263 -7.72 13.58 -17.26
N VAL A 264 -8.78 14.30 -16.86
CA VAL A 264 -9.00 15.63 -17.42
C VAL A 264 -7.89 16.58 -17.03
N VAL A 265 -7.47 16.56 -15.76
CA VAL A 265 -6.46 17.52 -15.36
C VAL A 265 -5.08 17.12 -15.90
N VAL A 266 -4.82 15.83 -16.10
CA VAL A 266 -3.54 15.44 -16.67
C VAL A 266 -3.55 15.56 -18.19
N PHE A 267 -4.71 15.83 -18.78
CA PHE A 267 -4.77 16.10 -20.22
C PHE A 267 -4.57 17.56 -20.55
N VAL A 268 -4.61 18.46 -19.56
CA VAL A 268 -4.54 19.90 -19.79
C VAL A 268 -3.36 20.53 -19.08
N GLY A 269 -3.19 20.23 -17.80
CA GLY A 269 -2.23 20.94 -16.97
C GLY A 269 -0.93 20.20 -16.73
N VAL A 270 -0.35 19.60 -17.78
CA VAL A 270 0.87 18.82 -17.64
C VAL A 270 2.02 19.65 -17.11
N LYS A 271 2.02 20.95 -17.37
CA LYS A 271 3.06 21.83 -16.83
C LYS A 271 2.82 22.18 -15.37
N TYR A 272 1.68 21.80 -14.79
CA TYR A 272 1.42 22.10 -13.39
C TYR A 272 1.97 21.01 -12.48
N VAL A 273 1.87 19.74 -12.89
CA VAL A 273 2.13 18.64 -11.97
C VAL A 273 3.62 18.46 -11.70
N ASN A 274 4.47 18.74 -12.68
CA ASN A 274 5.90 18.55 -12.48
C ASN A 274 6.47 19.51 -11.45
N LYS A 275 5.92 20.73 -11.38
CA LYS A 275 6.30 21.64 -10.32
C LYS A 275 5.65 21.30 -9.00
N LEU A 276 4.63 20.44 -9.00
CA LEU A 276 3.94 20.05 -7.78
C LEU A 276 4.48 18.75 -7.18
N ALA A 277 5.31 18.01 -7.93
CA ALA A 277 5.95 16.83 -7.37
C ALA A 277 6.82 17.17 -6.17
N LEU A 278 7.45 18.35 -6.18
CA LEU A 278 8.20 18.81 -5.01
C LEU A 278 7.31 18.92 -3.80
N VAL A 279 6.12 19.50 -3.96
CA VAL A 279 5.19 19.65 -2.84
C VAL A 279 4.72 18.29 -2.35
N PHE A 280 4.43 17.37 -3.27
CA PHE A 280 4.01 16.02 -2.88
C PHE A 280 5.08 15.33 -2.05
N LEU A 281 6.33 15.38 -2.51
CA LEU A 281 7.41 14.71 -1.80
C LEU A 281 7.67 15.39 -0.45
N ALA A 282 7.59 16.72 -0.40
CA ALA A 282 7.76 17.41 0.87
C ALA A 282 6.68 17.00 1.86
N CYS A 283 5.44 16.84 1.36
CA CYS A 283 4.34 16.43 2.23
C CYS A 283 4.57 15.04 2.80
N VAL A 284 5.02 14.10 1.96
CA VAL A 284 5.19 12.74 2.48
C VAL A 284 6.39 12.65 3.42
N VAL A 285 7.47 13.41 3.16
CA VAL A 285 8.59 13.32 4.09
C VAL A 285 8.25 14.02 5.39
N LEU A 286 7.41 15.06 5.35
CA LEU A 286 6.94 15.66 6.60
C LEU A 286 6.07 14.70 7.37
N SER A 287 5.27 13.88 6.67
CA SER A 287 4.47 12.87 7.36
C SER A 287 5.36 11.86 8.08
N ILE A 288 6.42 11.40 7.41
CA ILE A 288 7.32 10.44 8.03
C ILE A 288 8.03 11.09 9.22
N LEU A 289 8.42 12.35 9.08
CA LEU A 289 9.04 13.07 10.18
C LEU A 289 8.11 13.18 11.37
N ALA A 290 6.81 13.41 11.12
CA ALA A 290 5.86 13.52 12.22
C ALA A 290 5.68 12.18 12.92
N ILE A 291 5.66 11.09 12.16
CA ILE A 291 5.53 9.77 12.77
C ILE A 291 6.72 9.45 13.66
N TYR A 292 7.93 9.77 13.19
CA TYR A 292 9.11 9.55 14.03
C TYR A 292 9.13 10.48 15.24
N ALA A 293 8.66 11.72 15.08
CA ALA A 293 8.59 12.63 16.22
C ALA A 293 7.66 12.09 17.29
N GLY A 294 6.50 11.56 16.87
CA GLY A 294 5.59 10.96 17.83
C GLY A 294 6.17 9.73 18.50
N VAL A 295 6.80 8.85 17.72
CA VAL A 295 7.29 7.60 18.30
C VAL A 295 8.53 7.84 19.16
N ILE A 296 9.19 8.99 19.03
CA ILE A 296 10.24 9.32 19.97
C ILE A 296 9.70 10.02 21.20
N LYS A 297 8.76 10.96 21.01
CA LYS A 297 8.22 11.69 22.15
C LYS A 297 7.26 10.88 23.00
N THR A 298 6.85 9.69 22.55
CA THR A 298 6.00 8.87 23.41
C THR A 298 6.74 8.25 24.58
N ALA A 299 8.06 8.36 24.63
CA ALA A 299 8.81 7.71 25.70
C ALA A 299 8.72 8.44 27.03
N PHE A 300 8.28 9.69 27.03
CA PHE A 300 8.22 10.51 28.24
C PHE A 300 6.80 10.79 28.71
N ALA A 301 5.89 11.06 27.79
CA ALA A 301 4.50 11.34 28.14
C ALA A 301 3.60 10.75 27.07
N PRO A 302 3.21 9.49 27.23
CA PRO A 302 2.36 8.85 26.22
C PRO A 302 0.96 9.45 26.24
N PRO A 303 0.25 9.44 25.12
CA PRO A 303 -1.08 10.05 25.08
C PRO A 303 -2.10 9.21 25.82
N ASP A 304 -3.22 9.85 26.13
CA ASP A 304 -4.30 9.20 26.88
C ASP A 304 -5.36 8.75 25.88
N ILE A 305 -5.14 7.57 25.31
CA ILE A 305 -6.01 7.01 24.29
C ILE A 305 -6.84 5.90 24.93
N PRO A 306 -8.15 6.07 25.07
CA PRO A 306 -8.96 5.02 25.71
C PRO A 306 -9.54 4.02 24.74
N VAL A 307 -9.53 2.74 25.11
CA VAL A 307 -10.12 1.66 24.34
C VAL A 307 -10.89 0.78 25.29
N CYS A 308 -12.18 0.60 25.05
CA CYS A 308 -13.08 -0.08 25.99
C CYS A 308 -13.46 -1.46 25.48
N LEU A 309 -13.61 -2.39 26.42
CA LEU A 309 -13.77 -3.79 26.04
C LEU A 309 -14.48 -4.57 27.14
N LEU A 310 -15.16 -5.63 26.72
CA LEU A 310 -15.87 -6.54 27.63
C LEU A 310 -15.03 -7.72 28.07
N GLY A 311 -13.79 -7.83 27.59
CA GLY A 311 -13.01 -9.03 27.80
C GLY A 311 -12.36 -9.46 26.51
N ASN A 312 -12.71 -10.63 26.00
CA ASN A 312 -12.23 -11.06 24.70
C ASN A 312 -13.01 -10.41 23.55
N ARG A 313 -13.74 -9.33 23.79
CA ARG A 313 -14.31 -8.52 22.73
C ARG A 313 -14.10 -7.06 23.08
N THR A 314 -13.84 -6.23 22.07
CA THR A 314 -13.65 -4.80 22.26
C THR A 314 -14.69 -4.02 21.47
N LEU A 315 -15.03 -2.82 21.95
CA LEU A 315 -16.13 -2.07 21.40
C LEU A 315 -15.64 -0.91 20.54
N ALA A 316 -16.47 -0.53 19.56
CA ALA A 316 -16.14 0.56 18.64
C ALA A 316 -16.83 1.83 19.13
N ASN A 317 -16.07 2.70 19.80
CA ASN A 317 -16.64 3.88 20.43
C ASN A 317 -16.72 5.02 19.42
N ARG A 318 -17.63 4.86 18.46
CA ARG A 318 -17.99 5.92 17.54
C ARG A 318 -19.08 6.81 18.10
N ASN A 319 -19.88 6.31 19.03
CA ASN A 319 -21.08 7.01 19.48
C ASN A 319 -20.96 7.45 20.93
N PHE A 320 -20.64 6.50 21.81
CA PHE A 320 -20.76 6.74 23.23
C PHE A 320 -19.46 7.28 23.82
N ASP A 321 -19.57 7.78 25.04
CA ASP A 321 -18.44 8.22 25.85
C ASP A 321 -18.62 7.67 27.26
N THR A 322 -17.55 7.72 28.05
CA THR A 322 -17.51 7.22 29.43
C THR A 322 -17.98 5.77 29.48
N CYS A 323 -17.18 4.85 28.94
CA CYS A 323 -17.62 3.48 28.70
C CYS A 323 -17.86 2.67 29.98
N ALA A 324 -17.79 3.29 31.15
CA ALA A 324 -18.17 2.60 32.38
C ALA A 324 -19.61 2.13 32.31
N LYS A 325 -19.95 1.17 33.17
CA LYS A 325 -21.22 0.46 33.10
C LYS A 325 -22.34 1.33 33.68
N MET A 326 -23.45 0.66 34.03
CA MET A 326 -24.81 1.19 34.13
C MET A 326 -24.93 2.62 34.62
N GLN A 327 -24.34 2.93 35.76
CA GLN A 327 -24.53 4.23 36.38
C GLN A 327 -23.22 5.00 36.47
N VAL A 328 -23.08 6.01 35.62
CA VAL A 328 -22.13 7.09 35.84
C VAL A 328 -22.88 8.11 36.70
N VAL A 329 -22.24 8.61 37.74
CA VAL A 329 -22.99 9.31 38.77
C VAL A 329 -23.28 10.72 38.30
N SER A 330 -24.41 10.89 37.61
CA SER A 330 -25.00 12.22 37.47
C SER A 330 -25.92 12.50 38.65
N ASN A 331 -26.82 11.56 38.95
CA ASN A 331 -27.45 11.46 40.25
C ASN A 331 -27.35 10.05 40.83
N GLY A 332 -26.76 9.11 40.09
CA GLY A 332 -26.48 7.79 40.61
C GLY A 332 -27.32 6.67 40.05
N THR A 333 -28.45 6.97 39.41
CA THR A 333 -29.40 5.94 38.99
C THR A 333 -29.90 6.21 37.57
N VAL A 334 -28.99 6.55 36.67
CA VAL A 334 -29.31 6.74 35.27
C VAL A 334 -28.48 5.76 34.45
N THR A 335 -29.05 5.27 33.36
CA THR A 335 -28.36 4.27 32.54
C THR A 335 -27.29 4.94 31.68
N THR A 336 -26.23 4.19 31.40
CA THR A 336 -25.16 4.66 30.53
C THR A 336 -25.65 4.68 29.08
N ALA A 337 -25.08 5.59 28.29
CA ALA A 337 -25.38 5.62 26.86
C ALA A 337 -24.99 4.32 26.18
N LEU A 338 -23.93 3.67 26.67
CA LEU A 338 -23.58 2.35 26.16
C LEU A 338 -24.62 1.33 26.56
N TRP A 339 -25.17 1.45 27.78
CA TRP A 339 -26.18 0.52 28.27
C TRP A 339 -27.39 0.49 27.37
N ARG A 340 -27.86 1.67 26.95
CA ARG A 340 -29.03 1.74 26.07
C ARG A 340 -28.74 1.10 24.72
N LEU A 341 -27.48 1.13 24.29
CA LEU A 341 -27.15 0.66 22.95
C LEU A 341 -27.20 -0.87 22.89
N PHE A 342 -26.83 -1.53 23.98
CA PHE A 342 -26.96 -2.98 24.04
C PHE A 342 -28.36 -3.41 24.45
N CYS A 343 -28.96 -2.74 25.43
CA CYS A 343 -30.23 -3.18 25.98
C CYS A 343 -31.40 -2.77 25.11
N ASN A 344 -32.51 -3.48 25.27
CA ASN A 344 -33.72 -3.17 24.51
C ASN A 344 -34.35 -1.87 24.99
N GLY A 345 -34.34 -1.63 26.29
CA GLY A 345 -34.95 -0.44 26.85
C GLY A 345 -34.00 0.29 27.77
N SER A 346 -34.30 1.58 27.98
CA SER A 346 -33.50 2.43 28.85
C SER A 346 -34.01 2.31 30.29
N SER A 347 -33.90 1.09 30.82
CA SER A 347 -34.32 0.79 32.17
C SER A 347 -33.57 -0.45 32.64
N LEU A 348 -33.49 -0.62 33.96
CA LEU A 348 -32.81 -1.77 34.51
C LEU A 348 -33.57 -3.05 34.22
N GLY A 349 -32.84 -4.10 33.84
CA GLY A 349 -33.46 -5.37 33.54
C GLY A 349 -34.30 -5.39 32.28
N ALA A 350 -34.05 -4.47 31.36
CA ALA A 350 -34.85 -4.36 30.13
C ALA A 350 -34.33 -5.33 29.06
N THR A 351 -34.41 -6.62 29.39
CA THR A 351 -34.03 -7.77 28.56
C THR A 351 -32.76 -7.51 27.74
N CYS A 352 -31.71 -7.08 28.44
CA CYS A 352 -30.42 -6.84 27.81
C CYS A 352 -29.81 -8.15 27.30
N ASP A 353 -28.78 -8.01 26.48
CA ASP A 353 -28.08 -9.18 25.94
C ASP A 353 -27.42 -9.96 27.07
N GLU A 354 -27.47 -11.29 26.95
CA GLU A 354 -26.95 -12.15 28.00
C GLU A 354 -25.44 -12.02 28.14
N TYR A 355 -24.74 -11.82 27.03
CA TYR A 355 -23.30 -11.63 27.09
C TYR A 355 -22.95 -10.34 27.83
N PHE A 356 -23.81 -9.32 27.71
CA PHE A 356 -23.60 -8.08 28.44
C PHE A 356 -23.73 -8.29 29.94
N ALA A 357 -24.71 -9.11 30.35
CA ALA A 357 -24.93 -9.36 31.77
C ALA A 357 -24.00 -10.40 32.35
N GLN A 358 -23.35 -11.21 31.51
CA GLN A 358 -22.37 -12.18 32.01
C GLN A 358 -21.01 -11.53 32.23
N ASN A 359 -20.54 -10.74 31.27
CA ASN A 359 -19.19 -10.20 31.28
C ASN A 359 -19.21 -8.74 31.68
N ASN A 360 -18.08 -8.29 32.23
CA ASN A 360 -17.91 -6.95 32.76
C ASN A 360 -17.32 -6.03 31.69
N VAL A 361 -17.47 -4.73 31.93
CA VAL A 361 -16.85 -3.74 31.06
C VAL A 361 -15.56 -3.27 31.72
N THR A 362 -14.59 -2.87 30.90
CA THR A 362 -13.38 -2.24 31.41
C THR A 362 -12.78 -1.39 30.30
N GLU A 363 -11.77 -0.59 30.67
CA GLU A 363 -11.12 0.32 29.75
C GLU A 363 -9.62 0.07 29.78
N ILE A 364 -9.04 -0.20 28.62
CA ILE A 364 -7.60 -0.45 28.50
C ILE A 364 -6.96 0.80 27.92
N GLN A 365 -5.68 1.00 28.22
CA GLN A 365 -4.96 2.17 27.76
C GLN A 365 -4.36 1.86 26.40
N GLY A 366 -5.02 2.34 25.34
CA GLY A 366 -4.48 2.18 24.02
C GLY A 366 -3.28 3.06 23.78
N ILE A 367 -2.37 2.56 22.96
CA ILE A 367 -1.07 3.19 22.67
C ILE A 367 -0.35 3.50 23.97
N PRO A 368 0.15 2.51 24.70
CA PRO A 368 1.07 2.81 25.81
C PRO A 368 2.42 3.22 25.25
N GLY A 369 3.20 3.92 26.07
CA GLY A 369 4.53 4.30 25.67
C GLY A 369 5.41 3.10 25.41
N VAL A 370 6.49 3.33 24.66
CA VAL A 370 7.36 2.22 24.29
C VAL A 370 8.27 1.90 25.47
N ALA A 371 7.80 1.03 26.34
CA ALA A 371 8.61 0.55 27.45
C ALA A 371 8.18 -0.83 27.89
N SER A 372 8.76 -1.88 27.27
CA SER A 372 8.81 -3.24 27.82
C SER A 372 7.44 -3.90 28.01
N GLY A 373 6.35 -3.20 27.66
CA GLY A 373 5.04 -3.69 28.02
C GLY A 373 4.39 -4.54 26.93
N VAL A 374 4.45 -4.06 25.69
CA VAL A 374 3.63 -4.65 24.63
C VAL A 374 4.45 -5.38 23.57
N PHE A 375 5.77 -5.27 23.61
CA PHE A 375 6.59 -5.94 22.59
C PHE A 375 6.47 -7.45 22.69
N LEU A 376 6.40 -7.96 23.92
CA LEU A 376 6.22 -9.41 24.09
C LEU A 376 4.78 -9.81 23.80
N ASP A 377 3.85 -8.86 23.88
CA ASP A 377 2.46 -9.15 23.56
C ASP A 377 2.28 -9.30 22.05
N ASN A 378 2.76 -8.33 21.28
CA ASN A 378 2.52 -8.27 19.84
C ASN A 378 3.48 -9.15 19.04
N LEU A 379 4.10 -10.13 19.68
CA LEU A 379 5.24 -10.79 19.05
C LEU A 379 4.80 -11.80 17.99
N TRP A 380 3.86 -12.69 18.33
CA TRP A 380 3.49 -13.77 17.43
C TRP A 380 2.18 -13.46 16.71
N SER A 381 1.98 -14.13 15.58
CA SER A 381 0.84 -13.87 14.72
C SER A 381 -0.47 -14.36 15.36
N THR A 382 -1.58 -13.89 14.80
CA THR A 382 -2.91 -14.30 15.24
C THR A 382 -3.67 -15.02 14.14
N TYR A 383 -3.76 -14.44 12.95
CA TYR A 383 -4.45 -15.00 11.78
C TYR A 383 -5.93 -15.28 12.09
N SER A 384 -6.65 -14.21 12.36
CA SER A 384 -8.07 -14.32 12.64
C SER A 384 -8.84 -14.68 11.36
N ASP A 385 -10.10 -15.03 11.54
CA ASP A 385 -10.98 -15.34 10.43
C ASP A 385 -11.79 -14.10 10.06
N LYS A 386 -12.69 -14.23 9.09
CA LYS A 386 -13.54 -13.14 8.68
C LYS A 386 -14.84 -13.16 9.49
N GLY A 387 -15.20 -11.99 10.04
CA GLY A 387 -16.42 -11.86 10.81
C GLY A 387 -16.26 -12.05 12.30
N ALA A 388 -15.09 -12.47 12.77
CA ALA A 388 -14.87 -12.66 14.19
C ALA A 388 -14.58 -11.33 14.87
N PHE A 389 -14.80 -11.30 16.18
CA PHE A 389 -14.48 -10.12 16.97
C PHE A 389 -12.97 -10.01 17.12
N VAL A 390 -12.51 -8.78 17.34
CA VAL A 390 -11.11 -8.54 17.66
C VAL A 390 -10.94 -8.72 19.16
N GLU A 391 -9.95 -9.52 19.55
CA GLU A 391 -9.85 -10.04 20.91
C GLU A 391 -8.53 -9.63 21.54
N LYS A 392 -8.55 -9.36 22.84
CA LYS A 392 -7.32 -9.12 23.60
C LYS A 392 -7.03 -10.34 24.45
N LYS A 393 -5.78 -10.80 24.43
CA LYS A 393 -5.39 -11.94 25.25
C LYS A 393 -5.11 -11.50 26.68
N GLY A 394 -5.31 -12.41 27.62
CA GLY A 394 -4.98 -12.14 29.00
C GLY A 394 -6.17 -11.83 29.87
N VAL A 395 -7.10 -11.03 29.35
CA VAL A 395 -8.27 -10.66 30.14
C VAL A 395 -9.22 -11.84 30.27
N SER A 396 -9.97 -11.86 31.35
CA SER A 396 -10.86 -12.98 31.66
C SER A 396 -12.23 -12.74 31.04
N SER A 397 -12.75 -13.75 30.36
CA SER A 397 -14.06 -13.66 29.71
C SER A 397 -14.75 -15.00 29.78
N VAL A 398 -15.94 -15.03 30.37
CA VAL A 398 -16.75 -16.24 30.44
C VAL A 398 -17.50 -16.38 29.12
N PRO A 399 -17.82 -17.60 28.68
CA PRO A 399 -18.53 -17.74 27.41
C PRO A 399 -20.04 -17.75 27.59
N VAL A 400 -20.78 -17.89 26.49
CA VAL A 400 -22.22 -18.06 26.52
C VAL A 400 -22.64 -19.34 25.79
N SER A 401 -22.30 -19.45 24.50
CA SER A 401 -22.46 -20.63 23.65
C SER A 401 -23.91 -20.94 23.31
N GLU A 402 -24.76 -19.94 23.11
CA GLU A 402 -26.06 -20.13 22.47
C GLU A 402 -26.43 -19.06 21.46
N GLU A 403 -25.72 -17.94 21.40
CA GLU A 403 -26.09 -16.85 20.50
C GLU A 403 -24.85 -16.04 20.16
N SER A 404 -24.83 -15.49 18.95
CA SER A 404 -23.76 -14.59 18.52
C SER A 404 -24.25 -13.16 18.38
N ARG A 405 -25.27 -12.92 17.53
CA ARG A 405 -25.87 -11.62 17.27
C ARG A 405 -24.81 -10.54 17.00
N PRO A 406 -24.15 -10.58 15.84
CA PRO A 406 -23.11 -9.58 15.55
C PRO A 406 -23.55 -8.40 14.71
N GLY A 407 -24.81 -8.34 14.29
CA GLY A 407 -25.24 -7.36 13.30
C GLY A 407 -25.24 -5.92 13.76
N GLY A 408 -26.12 -5.58 14.69
CA GLY A 408 -26.28 -4.22 15.14
C GLY A 408 -25.52 -3.86 16.40
N LEU A 409 -24.80 -4.78 16.98
CA LEU A 409 -24.04 -4.49 18.18
C LEU A 409 -22.79 -3.69 17.83
N PRO A 410 -22.25 -2.90 18.78
CA PRO A 410 -21.12 -2.03 18.45
C PRO A 410 -19.77 -2.73 18.47
N TYR A 411 -19.75 -4.06 18.42
CA TYR A 411 -18.50 -4.79 18.33
C TYR A 411 -17.79 -4.48 17.03
N VAL A 412 -16.47 -4.30 17.10
CA VAL A 412 -15.69 -4.19 15.87
C VAL A 412 -15.51 -5.58 15.28
N LEU A 413 -15.90 -5.71 14.01
CA LEU A 413 -15.80 -6.98 13.32
C LEU A 413 -14.71 -6.89 12.25
N THR A 414 -14.06 -8.02 11.99
CA THR A 414 -12.89 -8.02 11.13
C THR A 414 -13.27 -7.88 9.67
N ASP A 415 -12.26 -7.58 8.87
CA ASP A 415 -12.33 -7.54 7.41
C ASP A 415 -12.08 -8.95 6.89
N ILE A 416 -11.72 -9.08 5.61
CA ILE A 416 -11.49 -10.40 5.00
C ILE A 416 -10.48 -11.20 5.80
N MET A 417 -10.60 -12.52 5.72
CA MET A 417 -9.81 -13.41 6.57
C MET A 417 -8.33 -13.26 6.29
N THR A 418 -7.53 -13.33 7.34
CA THR A 418 -6.11 -13.03 7.28
C THR A 418 -5.31 -14.29 7.54
N TYR A 419 -4.69 -14.82 6.50
CA TYR A 419 -3.70 -15.87 6.62
C TYR A 419 -2.45 -15.40 5.91
N PHE A 420 -1.30 -15.97 6.27
CA PHE A 420 -0.03 -15.62 5.64
C PHE A 420 -0.09 -15.89 4.15
N THR A 421 0.82 -15.27 3.41
CA THR A 421 0.92 -15.23 1.95
C THR A 421 -0.17 -14.38 1.32
N MET A 422 -1.12 -13.90 2.13
CA MET A 422 -2.01 -12.85 1.67
C MET A 422 -1.44 -11.49 2.02
N LEU A 423 -0.76 -11.41 3.16
CA LEU A 423 -0.12 -10.15 3.55
C LEU A 423 1.01 -9.80 2.61
N VAL A 424 1.63 -10.80 1.97
CA VAL A 424 2.63 -10.52 0.95
C VAL A 424 2.01 -9.74 -0.21
N GLY A 425 0.87 -10.22 -0.72
CA GLY A 425 0.20 -9.53 -1.80
C GLY A 425 -0.37 -8.20 -1.40
N ILE A 426 -0.71 -8.02 -0.12
CA ILE A 426 -1.16 -6.72 0.33
C ILE A 426 0.02 -5.75 0.45
N TYR A 427 1.18 -6.25 0.88
CA TYR A 427 2.27 -5.36 1.25
C TYR A 427 3.13 -4.96 0.07
N PHE A 428 3.30 -5.85 -0.91
CA PHE A 428 4.35 -5.65 -1.91
C PHE A 428 4.32 -4.32 -2.68
N PRO A 429 3.18 -3.68 -2.97
CA PRO A 429 3.25 -2.36 -3.62
C PRO A 429 3.96 -1.28 -2.81
N SER A 430 4.23 -1.55 -1.53
CA SER A 430 4.93 -0.59 -0.70
C SER A 430 6.40 -0.48 -1.02
N VAL A 431 6.97 -1.47 -1.71
CA VAL A 431 8.40 -1.50 -1.96
C VAL A 431 8.73 -1.30 -3.44
N THR A 432 7.73 -1.29 -4.30
CA THR A 432 7.97 -1.18 -5.73
C THR A 432 8.02 0.26 -6.18
N GLY A 433 8.49 0.45 -7.41
CA GLY A 433 8.55 1.75 -8.02
C GLY A 433 9.97 2.21 -8.31
N ILE A 434 10.89 1.26 -8.51
CA ILE A 434 12.31 1.60 -8.64
C ILE A 434 12.74 1.90 -10.06
N MET A 435 11.82 1.82 -11.03
CA MET A 435 12.15 2.26 -12.38
C MET A 435 12.02 3.77 -12.55
N ALA A 436 11.85 4.52 -11.47
CA ALA A 436 11.72 5.97 -11.58
C ALA A 436 13.06 6.66 -11.71
N GLY A 437 14.07 6.19 -10.96
CA GLY A 437 15.39 6.77 -11.07
C GLY A 437 16.02 6.57 -12.44
N SER A 438 15.67 5.47 -13.10
CA SER A 438 16.09 5.23 -14.48
C SER A 438 15.12 5.86 -15.48
N ASN A 439 14.34 6.85 -15.06
CA ASN A 439 13.36 7.48 -15.93
C ASN A 439 13.89 8.73 -16.59
N ARG A 440 14.72 9.50 -15.89
CA ARG A 440 15.24 10.77 -16.38
C ARG A 440 16.72 10.62 -16.71
N SER A 441 17.08 9.51 -17.36
CA SER A 441 18.49 9.23 -17.64
C SER A 441 19.03 10.14 -18.72
N GLY A 442 18.17 10.80 -19.50
CA GLY A 442 18.64 11.67 -20.55
C GLY A 442 19.23 12.97 -20.01
N ASP A 443 18.67 13.48 -18.93
CA ASP A 443 19.06 14.78 -18.39
C ASP A 443 20.07 14.67 -17.25
N LEU A 444 20.67 13.52 -17.04
CA LEU A 444 21.65 13.38 -15.97
C LEU A 444 23.05 13.78 -16.45
N LYS A 445 23.96 13.87 -15.50
CA LYS A 445 25.38 14.07 -15.77
C LYS A 445 26.14 12.85 -15.26
N ASP A 446 26.73 12.09 -16.18
CA ASP A 446 27.35 10.79 -15.90
C ASP A 446 26.36 9.85 -15.24
N ALA A 447 25.33 9.50 -16.04
CA ALA A 447 24.25 8.66 -15.55
C ALA A 447 24.74 7.30 -15.07
N GLN A 448 25.80 6.77 -15.70
CA GLN A 448 26.34 5.48 -15.30
C GLN A 448 26.94 5.52 -13.90
N LYS A 449 27.25 6.71 -13.38
CA LYS A 449 27.67 6.86 -12.00
C LYS A 449 26.51 7.25 -11.08
N SER A 450 25.56 8.02 -11.58
CA SER A 450 24.48 8.52 -10.74
C SER A 450 23.46 7.44 -10.41
N ILE A 451 23.07 6.66 -11.42
CA ILE A 451 21.99 5.68 -11.26
C ILE A 451 22.32 4.57 -10.25
N PRO A 452 23.44 3.83 -10.38
CA PRO A 452 23.63 2.69 -9.49
C PRO A 452 23.87 3.06 -8.03
N THR A 453 24.25 4.30 -7.74
CA THR A 453 24.37 4.72 -6.35
C THR A 453 23.04 5.22 -5.82
N GLY A 454 22.36 6.06 -6.60
CA GLY A 454 21.11 6.66 -6.16
C GLY A 454 20.01 5.64 -5.94
N THR A 455 19.86 4.70 -6.89
CA THR A 455 18.80 3.70 -6.75
C THR A 455 19.01 2.82 -5.53
N ILE A 456 20.24 2.34 -5.34
CA ILE A 456 20.50 1.42 -4.24
C ILE A 456 20.41 2.14 -2.90
N LEU A 457 20.87 3.39 -2.83
CA LEU A 457 20.70 4.14 -1.60
C LEU A 457 19.24 4.44 -1.33
N ALA A 458 18.43 4.62 -2.37
CA ALA A 458 17.01 4.81 -2.18
C ALA A 458 16.36 3.58 -1.59
N ILE A 459 16.70 2.40 -2.10
CA ILE A 459 16.11 1.17 -1.58
C ILE A 459 16.58 0.93 -0.14
N VAL A 460 17.84 1.26 0.15
CA VAL A 460 18.33 1.13 1.52
C VAL A 460 17.56 2.07 2.46
N THR A 461 17.30 3.30 2.01
CA THR A 461 16.56 4.25 2.83
C THR A 461 15.15 3.77 3.11
N THR A 462 14.42 3.36 2.07
CA THR A 462 13.04 2.93 2.29
C THR A 462 12.95 1.65 3.10
N SER A 463 13.90 0.72 2.90
CA SER A 463 13.90 -0.49 3.72
C SER A 463 14.18 -0.15 5.17
N PHE A 464 15.09 0.79 5.43
CA PHE A 464 15.33 1.21 6.81
C PHE A 464 14.07 1.82 7.40
N ILE A 465 13.37 2.64 6.62
CA ILE A 465 12.13 3.27 7.10
C ILE A 465 11.12 2.21 7.48
N TYR A 466 10.93 1.20 6.62
CA TYR A 466 9.91 0.20 6.87
C TYR A 466 10.28 -0.69 8.06
N LEU A 467 11.56 -1.08 8.17
CA LEU A 467 11.96 -1.91 9.30
C LEU A 467 11.83 -1.16 10.62
N SER A 468 12.24 0.12 10.64
CA SER A 468 12.07 0.92 11.85
C SER A 468 10.61 1.08 12.21
N CYS A 469 9.75 1.37 11.21
CA CYS A 469 8.34 1.57 11.50
C CYS A 469 7.70 0.28 12.01
N ILE A 470 8.13 -0.88 11.52
CA ILE A 470 7.58 -2.13 12.02
C ILE A 470 8.02 -2.38 13.45
N VAL A 471 9.31 -2.21 13.74
CA VAL A 471 9.79 -2.53 15.09
C VAL A 471 9.24 -1.53 16.10
N LEU A 472 8.81 -0.35 15.62
CA LEU A 472 8.21 0.60 16.55
C LEU A 472 6.70 0.38 16.70
N PHE A 473 6.03 -0.01 15.61
CA PHE A 473 4.60 -0.32 15.71
C PHE A 473 4.37 -1.53 16.60
N GLY A 474 5.31 -2.47 16.58
CA GLY A 474 5.19 -3.62 17.46
C GLY A 474 5.33 -3.24 18.92
N ALA A 475 6.04 -2.15 19.20
CA ALA A 475 6.43 -1.81 20.57
C ALA A 475 5.68 -0.62 21.14
N CYS A 476 4.85 0.06 20.36
CA CYS A 476 4.06 1.17 20.91
C CYS A 476 2.56 0.91 20.89
N ILE A 477 1.99 0.55 19.75
CA ILE A 477 0.54 0.42 19.64
C ILE A 477 0.12 -0.89 20.27
N GLU A 478 -1.05 -0.90 20.90
CA GLU A 478 -1.58 -2.11 21.48
C GLU A 478 -2.06 -3.07 20.39
N GLY A 479 -1.86 -4.36 20.62
CA GLY A 479 -2.20 -5.37 19.63
C GLY A 479 -3.67 -5.45 19.28
N VAL A 480 -4.56 -5.00 20.15
CA VAL A 480 -5.97 -4.95 19.80
C VAL A 480 -6.26 -3.71 18.97
N VAL A 481 -5.49 -2.64 19.16
CA VAL A 481 -5.63 -1.44 18.35
C VAL A 481 -5.10 -1.69 16.94
N LEU A 482 -4.09 -2.56 16.83
CA LEU A 482 -3.43 -2.75 15.53
C LEU A 482 -4.35 -3.42 14.53
N ARG A 483 -5.21 -4.33 14.98
CA ARG A 483 -6.11 -5.04 14.08
C ARG A 483 -7.38 -4.27 13.77
N ASP A 484 -7.39 -2.95 13.97
CA ASP A 484 -8.58 -2.17 13.69
C ASP A 484 -8.74 -1.93 12.19
N LYS A 485 -7.74 -1.30 11.57
CA LYS A 485 -7.54 -0.98 10.15
C LYS A 485 -8.50 0.13 9.67
N PHE A 486 -9.47 0.50 10.50
CA PHE A 486 -10.39 1.58 10.20
C PHE A 486 -10.46 2.61 11.33
N GLY A 487 -9.73 2.39 12.42
CA GLY A 487 -9.85 3.29 13.55
C GLY A 487 -11.20 3.24 14.23
N GLU A 488 -11.93 2.14 14.08
CA GLU A 488 -13.26 2.03 14.68
C GLU A 488 -13.20 2.07 16.20
N ALA A 489 -12.05 1.71 16.77
CA ALA A 489 -11.89 1.72 18.22
C ALA A 489 -11.28 3.00 18.76
N LEU A 490 -10.60 3.79 17.93
CA LEU A 490 -10.07 5.08 18.37
C LEU A 490 -10.96 6.24 17.92
N GLN A 491 -12.23 6.18 18.32
CA GLN A 491 -13.20 7.27 18.08
C GLN A 491 -13.30 7.64 16.60
N GLY A 492 -13.03 6.68 15.72
CA GLY A 492 -13.09 6.94 14.29
C GLY A 492 -11.95 7.79 13.76
N ASN A 493 -10.74 7.60 14.29
CA ASN A 493 -9.56 8.34 13.85
C ASN A 493 -8.62 7.41 13.12
N LEU A 494 -7.43 7.92 12.80
CA LEU A 494 -6.40 7.11 12.17
C LEU A 494 -5.40 6.66 13.23
N VAL A 495 -5.05 5.38 13.22
CA VAL A 495 -4.17 4.84 14.26
C VAL A 495 -2.75 5.36 14.08
N ILE A 496 -2.22 5.27 12.87
CA ILE A 496 -0.89 5.83 12.61
C ILE A 496 -0.90 7.34 12.72
N GLY A 497 -2.07 7.96 12.58
CA GLY A 497 -2.19 9.39 12.78
C GLY A 497 -2.29 9.73 14.25
N MET A 498 -2.96 8.88 15.02
CA MET A 498 -2.97 9.04 16.46
C MET A 498 -1.60 8.81 17.08
N LEU A 499 -0.72 8.11 16.36
CA LEU A 499 0.65 7.93 16.85
C LEU A 499 1.51 9.16 16.68
N ALA A 500 1.17 10.06 15.76
CA ALA A 500 2.02 11.20 15.45
C ALA A 500 2.00 12.21 16.60
N TRP A 501 3.04 13.08 16.61
CA TRP A 501 3.19 14.02 17.71
C TRP A 501 2.16 15.14 17.69
N PRO A 502 2.13 16.05 16.66
CA PRO A 502 1.34 17.28 16.84
C PRO A 502 -0.16 17.06 16.84
N SER A 503 -0.67 16.35 15.86
CA SER A 503 -2.09 16.05 15.69
C SER A 503 -2.24 15.03 14.58
N PRO A 504 -3.26 14.17 14.61
CA PRO A 504 -3.50 13.27 13.48
C PRO A 504 -3.92 13.99 12.21
N TRP A 505 -4.24 15.28 12.27
CA TRP A 505 -4.69 15.99 11.09
C TRP A 505 -3.56 16.32 10.14
N VAL A 506 -2.31 16.06 10.49
CA VAL A 506 -1.24 16.23 9.52
C VAL A 506 -1.04 14.97 8.71
N ILE A 507 -1.24 13.80 9.31
CA ILE A 507 -0.98 12.55 8.60
C ILE A 507 -2.05 12.28 7.57
N VAL A 508 -3.31 12.61 7.89
CA VAL A 508 -4.40 12.32 6.96
C VAL A 508 -4.29 13.18 5.71
N ILE A 509 -4.02 14.48 5.87
CA ILE A 509 -3.87 15.34 4.71
C ILE A 509 -2.55 15.06 4.00
N GLY A 510 -1.52 14.65 4.75
CA GLY A 510 -0.27 14.27 4.12
C GLY A 510 -0.43 13.06 3.20
N SER A 511 -1.07 12.01 3.71
CA SER A 511 -1.31 10.83 2.89
C SER A 511 -2.24 11.14 1.73
N PHE A 512 -3.22 12.02 1.95
CA PHE A 512 -4.12 12.45 0.88
C PHE A 512 -3.35 13.09 -0.27
N PHE A 513 -2.54 14.11 0.04
CA PHE A 513 -1.80 14.82 -0.99
C PHE A 513 -0.78 13.90 -1.66
N SER A 514 -0.05 13.10 -0.89
CA SER A 514 0.97 12.24 -1.46
C SER A 514 0.35 11.18 -2.36
N THR A 515 -0.78 10.60 -1.97
CA THR A 515 -1.39 9.56 -2.79
C THR A 515 -2.00 10.15 -4.05
N CYS A 516 -2.64 11.31 -3.95
CA CYS A 516 -3.17 11.96 -5.16
C CYS A 516 -2.04 12.33 -6.11
N GLY A 517 -0.91 12.79 -5.57
CA GLY A 517 0.22 13.10 -6.42
C GLY A 517 0.82 11.88 -7.09
N ALA A 518 0.91 10.78 -6.35
CA ALA A 518 1.42 9.54 -6.95
C ALA A 518 0.50 9.04 -8.04
N GLY A 519 -0.82 9.20 -7.84
CA GLY A 519 -1.76 8.83 -8.89
C GLY A 519 -1.61 9.68 -10.13
N LEU A 520 -1.43 11.00 -9.95
CA LEU A 520 -1.18 11.87 -11.08
C LEU A 520 0.12 11.48 -11.80
N GLN A 521 1.15 11.12 -11.03
CA GLN A 521 2.42 10.72 -11.63
C GLN A 521 2.27 9.44 -12.44
N SER A 522 1.50 8.49 -11.94
CA SER A 522 1.28 7.24 -12.67
C SER A 522 0.50 7.49 -13.95
N LEU A 523 -0.56 8.31 -13.87
CA LEU A 523 -1.34 8.62 -15.06
C LEU A 523 -0.61 9.54 -16.02
N THR A 524 0.49 10.16 -15.59
CA THR A 524 1.35 10.87 -16.53
C THR A 524 2.36 9.95 -17.18
N GLY A 525 2.91 9.01 -16.41
CA GLY A 525 4.01 8.22 -16.91
C GLY A 525 3.60 7.01 -17.72
N ALA A 526 2.45 6.41 -17.41
CA ALA A 526 2.04 5.20 -18.14
C ALA A 526 1.68 5.48 -19.60
N PRO A 527 0.92 6.53 -19.96
CA PRO A 527 0.65 6.75 -21.38
C PRO A 527 1.88 7.10 -22.19
N ARG A 528 2.83 7.85 -21.63
CA ARG A 528 4.07 8.13 -22.35
C ARG A 528 4.85 6.85 -22.62
N LEU A 529 4.86 5.93 -21.66
CA LEU A 529 5.56 4.68 -21.85
C LEU A 529 4.86 3.80 -22.87
N LEU A 530 3.53 3.79 -22.86
CA LEU A 530 2.79 3.05 -23.89
C LEU A 530 3.05 3.63 -25.27
N GLN A 531 3.10 4.96 -25.36
CA GLN A 531 3.40 5.60 -26.63
C GLN A 531 4.80 5.24 -27.12
N ALA A 532 5.77 5.20 -26.20
CA ALA A 532 7.13 4.85 -26.59
C ALA A 532 7.22 3.39 -27.02
N ILE A 533 6.40 2.51 -26.44
CA ILE A 533 6.34 1.15 -26.95
C ILE A 533 5.71 1.11 -28.32
N ALA A 534 4.65 1.88 -28.54
CA ALA A 534 3.89 1.77 -29.78
C ALA A 534 4.63 2.38 -30.96
N ARG A 535 5.45 3.40 -30.71
CA ARG A 535 6.25 4.00 -31.79
C ARG A 535 7.15 2.97 -32.45
N ASP A 536 7.81 2.14 -31.63
CA ASP A 536 8.51 0.99 -32.17
C ASP A 536 7.51 -0.02 -32.71
N GLY A 537 7.83 -0.58 -33.89
CA GLY A 537 6.94 -1.52 -34.54
C GLY A 537 7.09 -2.94 -34.01
N ILE A 538 7.42 -3.05 -32.73
CA ILE A 538 7.49 -4.36 -32.08
C ILE A 538 6.11 -4.99 -32.00
N ILE A 539 5.08 -4.16 -31.81
CA ILE A 539 3.71 -4.63 -31.73
C ILE A 539 2.93 -4.07 -32.91
N PRO A 540 2.80 -4.82 -34.01
CA PRO A 540 2.09 -4.28 -35.17
C PRO A 540 0.59 -4.22 -34.98
N PHE A 541 0.04 -4.95 -34.01
CA PHE A 541 -1.38 -4.90 -33.77
C PHE A 541 -1.80 -3.66 -33.00
N LEU A 542 -0.85 -2.92 -32.44
CA LEU A 542 -1.14 -1.78 -31.56
C LEU A 542 -0.28 -0.58 -31.97
N GLN A 543 -0.24 -0.30 -33.27
CA GLN A 543 0.47 0.86 -33.78
C GLN A 543 -0.36 2.13 -33.67
N VAL A 544 -1.68 2.01 -33.45
CA VAL A 544 -2.57 3.15 -33.51
C VAL A 544 -2.29 4.12 -32.36
N PHE A 545 -1.70 3.63 -31.27
CA PHE A 545 -1.38 4.49 -30.14
C PHE A 545 -0.04 5.18 -30.31
N GLY A 546 0.19 5.79 -31.46
CA GLY A 546 1.41 6.53 -31.71
C GLY A 546 1.13 7.98 -32.01
N HIS A 547 -0.13 8.28 -32.31
CA HIS A 547 -0.55 9.66 -32.52
C HIS A 547 -0.49 10.43 -31.23
N GLY A 548 0.02 11.66 -31.30
CA GLY A 548 0.12 12.50 -30.14
C GLY A 548 -0.20 13.94 -30.49
N LYS A 549 -0.33 14.76 -29.46
CA LYS A 549 -0.56 16.18 -29.63
C LYS A 549 0.70 16.84 -30.18
N ALA A 550 0.53 18.00 -30.81
CA ALA A 550 1.66 18.70 -31.42
C ALA A 550 2.70 19.11 -30.39
N ASN A 551 2.26 19.34 -29.14
CA ASN A 551 3.21 19.63 -28.07
C ASN A 551 4.16 18.46 -27.83
N GLY A 552 3.65 17.24 -27.94
CA GLY A 552 4.49 16.05 -27.83
C GLY A 552 4.05 15.05 -26.78
N GLU A 553 2.90 15.22 -26.13
CA GLU A 553 2.44 14.26 -25.13
C GLU A 553 1.42 13.33 -25.77
N PRO A 554 1.28 12.09 -25.30
CA PRO A 554 0.35 11.16 -25.96
C PRO A 554 -1.09 11.50 -25.63
N THR A 555 -1.97 11.23 -26.59
CA THR A 555 -3.41 11.47 -26.46
C THR A 555 -4.24 10.21 -26.61
N TRP A 556 -3.93 9.37 -27.60
CA TRP A 556 -4.77 8.20 -27.84
C TRP A 556 -4.46 7.08 -26.85
N ALA A 557 -3.24 7.03 -26.33
CA ALA A 557 -2.91 6.02 -25.33
C ALA A 557 -3.55 6.36 -23.99
N LEU A 558 -3.84 7.65 -23.77
CA LEU A 558 -4.41 8.06 -22.48
C LEU A 558 -5.80 7.48 -22.31
N LEU A 559 -6.55 7.35 -23.41
CA LEU A 559 -7.86 6.71 -23.35
C LEU A 559 -7.75 5.27 -22.87
N LEU A 560 -6.82 4.51 -23.45
CA LEU A 560 -6.67 3.12 -23.06
C LEU A 560 -6.17 2.98 -21.63
N THR A 561 -5.29 3.89 -21.20
CA THR A 561 -4.81 3.84 -19.81
C THR A 561 -5.95 4.11 -18.84
N ALA A 562 -6.76 5.14 -19.11
CA ALA A 562 -7.88 5.44 -18.24
C ALA A 562 -8.91 4.30 -18.24
N LEU A 563 -9.08 3.63 -19.38
CA LEU A 563 -10.03 2.52 -19.40
C LEU A 563 -9.53 1.32 -18.61
N ILE A 564 -8.24 0.97 -18.75
CA ILE A 564 -7.69 -0.13 -17.97
C ILE A 564 -7.71 0.21 -16.48
N CYS A 565 -7.41 1.46 -16.13
CA CYS A 565 -7.44 1.85 -14.73
C CYS A 565 -8.86 1.86 -14.19
N GLU A 566 -9.86 2.13 -15.03
CA GLU A 566 -11.24 1.99 -14.60
C GLU A 566 -11.60 0.53 -14.38
N THR A 567 -11.15 -0.36 -15.28
CA THR A 567 -11.38 -1.79 -15.10
C THR A 567 -10.76 -2.27 -13.78
N GLY A 568 -9.61 -1.69 -13.41
CA GLY A 568 -9.06 -1.97 -12.11
C GLY A 568 -9.90 -1.42 -10.97
N ILE A 569 -10.36 -0.16 -11.11
CA ILE A 569 -11.05 0.49 -10.01
C ILE A 569 -12.44 -0.09 -9.76
N LEU A 570 -13.02 -0.77 -10.75
CA LEU A 570 -14.34 -1.38 -10.53
C LEU A 570 -14.30 -2.55 -9.58
N ILE A 571 -13.11 -3.11 -9.30
CA ILE A 571 -13.00 -4.11 -8.25
C ILE A 571 -13.21 -3.46 -6.89
N ALA A 572 -12.82 -2.19 -6.76
CA ALA A 572 -13.21 -1.32 -5.66
C ALA A 572 -12.79 -1.86 -4.30
N SER A 573 -11.68 -2.56 -4.23
CA SER A 573 -11.19 -3.10 -2.97
C SER A 573 -9.68 -3.03 -2.96
N LEU A 574 -9.13 -2.16 -2.11
CA LEU A 574 -7.68 -2.01 -1.99
C LEU A 574 -7.01 -3.32 -1.57
N ASP A 575 -7.73 -4.22 -0.91
CA ASP A 575 -7.16 -5.47 -0.47
C ASP A 575 -7.24 -6.59 -1.51
N SER A 576 -7.84 -6.32 -2.67
CA SER A 576 -7.85 -7.33 -3.74
C SER A 576 -7.51 -6.74 -5.09
N VAL A 577 -7.10 -5.47 -5.13
CA VAL A 577 -6.48 -4.91 -6.33
C VAL A 577 -4.96 -4.87 -6.21
N ALA A 578 -4.42 -4.91 -4.98
CA ALA A 578 -2.99 -4.97 -4.72
C ALA A 578 -2.32 -6.26 -5.20
N PRO A 579 -2.92 -7.46 -5.06
CA PRO A 579 -2.23 -8.65 -5.60
C PRO A 579 -2.05 -8.64 -7.10
N ILE A 580 -2.95 -8.00 -7.86
CA ILE A 580 -2.78 -7.93 -9.30
C ILE A 580 -1.55 -7.11 -9.65
N LEU A 581 -1.45 -5.93 -9.03
CA LEU A 581 -0.26 -5.08 -9.15
C LEU A 581 1.00 -5.84 -8.74
N SER A 582 0.91 -6.59 -7.65
CA SER A 582 2.07 -7.33 -7.17
C SER A 582 2.52 -8.37 -8.18
N MET A 583 1.57 -9.10 -8.76
CA MET A 583 1.92 -10.12 -9.74
C MET A 583 2.54 -9.51 -10.98
N PHE A 584 2.01 -8.38 -11.44
CA PHE A 584 2.56 -7.74 -12.64
C PHE A 584 3.98 -7.26 -12.40
N PHE A 585 4.23 -6.60 -11.28
CA PHE A 585 5.58 -6.12 -11.00
C PHE A 585 6.55 -7.27 -10.74
N LEU A 586 6.07 -8.35 -10.13
CA LEU A 586 6.92 -9.51 -9.92
C LEU A 586 7.31 -10.14 -11.24
N MET A 587 6.37 -10.20 -12.19
CA MET A 587 6.69 -10.75 -13.50
C MET A 587 7.71 -9.87 -14.23
N CYS A 588 7.56 -8.55 -14.12
CA CYS A 588 8.51 -7.66 -14.77
C CYS A 588 9.91 -7.81 -14.17
N TYR A 589 10.01 -7.86 -12.84
CA TYR A 589 11.31 -7.99 -12.21
C TYR A 589 11.95 -9.33 -12.52
N MET A 590 11.14 -10.40 -12.53
CA MET A 590 11.65 -11.71 -12.88
C MET A 590 12.19 -11.73 -14.31
N PHE A 591 11.48 -11.07 -15.23
CA PHE A 591 11.97 -11.03 -16.61
C PHE A 591 13.28 -10.27 -16.70
N VAL A 592 13.41 -9.16 -16.00
CA VAL A 592 14.67 -8.40 -16.05
C VAL A 592 15.82 -9.23 -15.48
N ASN A 593 15.58 -9.88 -14.35
CA ASN A 593 16.63 -10.70 -13.74
C ASN A 593 17.03 -11.85 -14.64
N LEU A 594 16.05 -12.56 -15.20
CA LEU A 594 16.35 -13.68 -16.10
C LEU A 594 17.08 -13.20 -17.34
N ALA A 595 16.71 -12.02 -17.85
CA ALA A 595 17.35 -11.49 -19.05
C ALA A 595 18.82 -11.20 -18.78
N CYS A 596 19.12 -10.51 -17.68
CA CYS A 596 20.52 -10.23 -17.35
C CYS A 596 21.30 -11.52 -17.11
N ALA A 597 20.70 -12.47 -16.40
CA ALA A 597 21.39 -13.71 -16.09
C ALA A 597 21.72 -14.48 -17.35
N VAL A 598 20.74 -14.72 -18.21
CA VAL A 598 21.00 -15.50 -19.41
C VAL A 598 21.87 -14.72 -20.39
N GLN A 599 21.82 -13.39 -20.34
CA GLN A 599 22.65 -12.58 -21.22
C GLN A 599 24.12 -12.75 -20.87
N THR A 600 24.46 -12.62 -19.58
CA THR A 600 25.85 -12.79 -19.20
C THR A 600 26.22 -14.28 -19.12
N LEU A 601 25.23 -15.16 -19.14
CA LEU A 601 25.51 -16.58 -19.11
C LEU A 601 25.92 -17.09 -20.49
N LEU A 602 25.12 -16.75 -21.52
CA LEU A 602 25.42 -17.14 -22.89
C LEU A 602 26.56 -16.33 -23.50
N ARG A 603 27.19 -15.44 -22.72
CA ARG A 603 28.22 -14.48 -23.16
C ARG A 603 27.89 -13.89 -24.53
N THR A 604 26.80 -13.13 -24.56
CA THR A 604 26.28 -12.55 -25.79
C THR A 604 27.30 -11.60 -26.40
N PRO A 605 27.37 -11.53 -27.74
CA PRO A 605 28.35 -10.66 -28.41
C PRO A 605 28.38 -9.21 -27.93
N ASN A 606 27.28 -8.66 -27.43
CA ASN A 606 27.30 -7.31 -26.86
C ASN A 606 26.66 -7.34 -25.48
N TRP A 607 27.44 -7.73 -24.47
CA TRP A 607 27.07 -7.57 -23.08
C TRP A 607 28.35 -7.30 -22.28
N ARG A 608 28.67 -6.03 -22.09
CA ARG A 608 29.88 -5.66 -21.35
C ARG A 608 29.51 -4.80 -20.16
N PRO A 609 29.02 -5.37 -19.06
CA PRO A 609 28.66 -4.54 -17.91
C PRO A 609 29.89 -4.12 -17.12
N ARG A 610 29.93 -2.86 -16.71
CA ARG A 610 31.07 -2.31 -16.00
C ARG A 610 30.83 -2.13 -14.51
N PHE A 611 29.68 -2.56 -14.00
CA PHE A 611 29.43 -2.48 -12.57
C PHE A 611 30.33 -3.44 -11.83
N LYS A 612 30.90 -2.97 -10.72
CA LYS A 612 31.87 -3.78 -9.99
C LYS A 612 31.20 -4.97 -9.31
N PHE A 613 30.23 -4.71 -8.44
CA PHE A 613 29.61 -5.77 -7.65
C PHE A 613 28.38 -6.33 -8.37
N TYR A 614 28.65 -7.18 -9.36
CA TYR A 614 27.60 -7.81 -10.14
C TYR A 614 28.05 -9.19 -10.59
N HIS A 615 27.38 -10.21 -10.10
CA HIS A 615 27.65 -11.58 -10.53
C HIS A 615 26.65 -12.03 -11.60
N TRP A 616 26.88 -13.24 -12.09
CA TRP A 616 25.87 -13.96 -12.85
C TRP A 616 24.92 -14.72 -11.95
N THR A 617 25.34 -15.03 -10.72
CA THR A 617 24.49 -15.75 -9.79
C THR A 617 23.62 -14.82 -8.95
N LEU A 618 23.98 -13.55 -8.84
CA LEU A 618 23.19 -12.63 -8.02
C LEU A 618 21.84 -12.35 -8.67
N SER A 619 21.85 -12.01 -9.95
CA SER A 619 20.60 -11.84 -10.68
C SER A 619 19.80 -13.13 -10.74
N PHE A 620 20.48 -14.27 -10.83
CA PHE A 620 19.79 -15.55 -10.79
C PHE A 620 19.09 -15.76 -9.45
N LEU A 621 19.75 -15.38 -8.36
CA LEU A 621 19.16 -15.52 -7.04
C LEU A 621 17.96 -14.59 -6.89
N GLY A 622 18.04 -13.38 -7.43
CA GLY A 622 16.88 -12.50 -7.42
C GLY A 622 15.72 -13.06 -8.23
N MET A 623 16.02 -13.60 -9.41
CA MET A 623 15.01 -14.23 -10.25
C MET A 623 14.29 -15.34 -9.51
N SER A 624 15.05 -16.26 -8.92
CA SER A 624 14.43 -17.35 -8.18
C SER A 624 13.66 -16.84 -6.96
N LEU A 625 14.17 -15.79 -6.32
CA LEU A 625 13.55 -15.28 -5.11
C LEU A 625 12.16 -14.73 -5.38
N CYS A 626 12.04 -13.78 -6.30
CA CYS A 626 10.69 -13.27 -6.54
C CYS A 626 9.89 -14.17 -7.48
N LEU A 627 10.51 -15.21 -8.05
CA LEU A 627 9.71 -16.32 -8.54
C LEU A 627 8.99 -17.02 -7.41
N ALA A 628 9.70 -17.30 -6.32
CA ALA A 628 9.07 -17.92 -5.16
C ALA A 628 8.03 -16.98 -4.54
N LEU A 629 8.31 -15.68 -4.58
CA LEU A 629 7.34 -14.70 -4.09
C LEU A 629 6.06 -14.72 -4.93
N MET A 630 6.20 -14.80 -6.25
CA MET A 630 5.02 -14.92 -7.11
C MET A 630 4.26 -16.21 -6.85
N PHE A 631 5.00 -17.33 -6.75
CA PHE A 631 4.37 -18.62 -6.49
C PHE A 631 3.67 -18.66 -5.14
N ILE A 632 4.17 -17.90 -4.17
CA ILE A 632 3.61 -17.88 -2.82
C ILE A 632 2.49 -16.85 -2.67
N CYS A 633 2.43 -15.85 -3.55
CA CYS A 633 1.38 -14.84 -3.48
C CYS A 633 0.06 -15.40 -4.00
N SER A 634 0.04 -15.81 -5.27
CA SER A 634 -1.13 -16.43 -5.86
C SER A 634 -0.66 -17.30 -7.02
N TRP A 635 -0.98 -18.58 -6.97
CA TRP A 635 -0.52 -19.54 -7.96
C TRP A 635 -1.47 -19.69 -9.12
N TYR A 636 -2.76 -19.45 -8.91
CA TYR A 636 -3.76 -19.60 -9.95
C TYR A 636 -3.61 -18.50 -11.01
N TYR A 637 -3.31 -17.28 -10.57
CA TYR A 637 -2.92 -16.25 -11.51
C TYR A 637 -1.57 -16.56 -12.13
N ALA A 638 -0.67 -17.19 -11.36
CA ALA A 638 0.69 -17.42 -11.82
C ALA A 638 0.75 -18.38 -12.99
N LEU A 639 -0.11 -19.40 -12.99
CA LEU A 639 -0.16 -20.35 -14.11
C LEU A 639 -0.40 -19.63 -15.43
N PHE A 640 -1.53 -18.95 -15.56
CA PHE A 640 -1.87 -18.32 -16.83
C PHE A 640 -0.98 -17.10 -17.10
N ALA A 641 -0.44 -16.49 -16.04
CA ALA A 641 0.48 -15.37 -16.25
C ALA A 641 1.77 -15.84 -16.89
N MET A 642 2.36 -16.93 -16.39
CA MET A 642 3.55 -17.48 -17.02
C MET A 642 3.21 -18.08 -18.38
N LEU A 643 1.99 -18.58 -18.54
CA LEU A 643 1.57 -19.14 -19.82
C LEU A 643 1.54 -18.08 -20.91
N ILE A 644 0.89 -16.94 -20.66
CA ILE A 644 0.84 -15.89 -21.66
C ILE A 644 2.18 -15.17 -21.77
N ALA A 645 2.92 -15.11 -20.66
CA ALA A 645 4.23 -14.45 -20.66
C ALA A 645 5.19 -15.14 -21.63
N GLY A 646 5.14 -16.47 -21.69
CA GLY A 646 5.89 -17.17 -22.72
C GLY A 646 5.27 -17.00 -24.09
N CYS A 647 3.94 -16.86 -24.14
CA CYS A 647 3.26 -16.76 -25.42
C CYS A 647 3.53 -15.43 -26.12
N ILE A 648 3.54 -14.34 -25.35
CA ILE A 648 3.88 -13.03 -25.93
C ILE A 648 5.34 -13.00 -26.33
N TYR A 649 6.17 -13.80 -25.68
CA TYR A 649 7.61 -13.81 -25.96
C TYR A 649 7.91 -14.37 -27.34
N LYS A 650 7.22 -15.44 -27.75
CA LYS A 650 7.56 -16.11 -29.01
C LYS A 650 7.03 -15.35 -30.21
N TYR A 651 6.04 -14.47 -30.01
CA TYR A 651 5.38 -13.82 -31.13
C TYR A 651 6.31 -12.86 -31.86
N ILE A 652 7.22 -12.22 -31.15
CA ILE A 652 8.11 -11.23 -31.76
C ILE A 652 9.23 -11.93 -32.52
C1 NAG B . -11.69 -15.37 24.03
C2 NAG B . -10.87 -16.53 23.46
C3 NAG B . -11.00 -17.77 24.35
C4 NAG B . -12.45 -18.23 24.44
C5 NAG B . -13.40 -17.03 24.46
C6 NAG B . -14.56 -17.23 25.39
C7 NAG B . -10.40 -17.16 21.11
C8 NAG B . -8.94 -17.14 21.48
N2 NAG B . -11.26 -16.84 22.09
O3 NAG B . -10.51 -17.45 25.65
O4 NAG B . -12.75 -19.07 23.33
O5 NAG B . -12.68 -15.88 24.93
O6 NAG B . -14.27 -18.19 26.40
O7 NAG B . -10.78 -17.42 19.98
C1 NAG B . -12.01 -20.23 23.22
C2 NAG B . -13.09 -21.31 23.31
C3 NAG B . -12.49 -22.69 23.05
C4 NAG B . -11.74 -22.68 21.72
C5 NAG B . -10.71 -21.58 21.71
C6 NAG B . -9.99 -21.44 20.38
C7 NAG B . -14.99 -20.85 24.83
C8 NAG B . -15.73 -20.38 23.61
N2 NAG B . -13.74 -21.29 24.62
O3 NAG B . -13.53 -23.66 23.02
O4 NAG B . -11.11 -23.94 21.50
O5 NAG B . -11.35 -20.31 21.96
O6 NAG B . -10.86 -20.92 19.38
O7 NAG B . -15.48 -20.85 25.94
C1 BMA B . -11.35 -25.01 20.67
C2 BMA B . -10.61 -26.33 21.00
C3 BMA B . -11.31 -27.54 20.37
C4 BMA B . -12.83 -27.49 20.59
C5 BMA B . -13.37 -26.17 20.05
C6 BMA B . -14.87 -26.05 20.21
O2 BMA B . -10.57 -26.57 22.40
O3 BMA B . -10.78 -28.77 20.86
O4 BMA B . -13.46 -28.57 19.90
O5 BMA B . -12.76 -25.12 20.83
O6 BMA B . -15.42 -27.35 20.35
C1 NAG C . -15.87 -6.78 37.00
C2 NAG C . -15.55 -8.27 36.73
C3 NAG C . -14.29 -8.69 37.48
C4 NAG C . -14.19 -8.02 38.84
C5 NAG C . -14.29 -6.50 38.73
C6 NAG C . -12.98 -5.79 39.00
C7 NAG C . -17.09 -10.18 36.40
C8 NAG C . -16.34 -10.46 35.14
N2 NAG C . -16.67 -9.12 37.12
O3 NAG C . -13.15 -8.36 36.70
O4 NAG C . -15.24 -8.49 39.68
O5 NAG C . -14.69 -6.12 37.40
O6 NAG C . -13.18 -4.61 39.77
O7 NAG C . -18.04 -10.86 36.75
C1 NAG C . -14.41 -8.67 40.75
C2 NAG C . -15.13 -8.12 41.98
C3 NAG C . -14.49 -8.64 43.26
C4 NAG C . -14.35 -10.15 43.22
C5 NAG C . -13.66 -10.60 41.93
C6 NAG C . -13.63 -12.10 41.77
C7 NAG C . -16.21 -5.92 41.64
C8 NAG C . -17.46 -6.67 41.30
N2 NAG C . -15.14 -6.66 41.96
O3 NAG C . -15.27 -8.25 44.38
O4 NAG C . -13.58 -10.60 44.34
O5 NAG C . -14.38 -10.09 40.81
O6 NAG C . -14.93 -12.66 41.88
O7 NAG C . -16.17 -4.70 41.64
C1 BMA C . -13.93 -11.44 45.37
C2 BMA C . -12.97 -12.34 46.16
C3 BMA C . -13.52 -12.60 47.57
C4 BMA C . -14.01 -11.30 48.25
C5 BMA C . -15.00 -10.58 47.32
C6 BMA C . -15.52 -9.28 47.89
O2 BMA C . -11.70 -11.73 46.32
O3 BMA C . -12.55 -13.23 48.38
O4 BMA C . -14.65 -11.60 49.48
O5 BMA C . -14.32 -10.29 46.10
O6 BMA C . -15.94 -9.52 49.23
K K D . 5.24 2.31 -4.42
CL CL E . 9.80 -0.40 -10.28
#